data_1JK8
#
_entry.id   1JK8
#
_cell.length_a   66.034
_cell.length_b   42.862
_cell.length_c   87.467
_cell.angle_alpha   90.00
_cell.angle_beta   102.48
_cell.angle_gamma   90.00
#
_symmetry.space_group_name_H-M   'P 1 21 1'
#
loop_
_entity.id
_entity.type
_entity.pdbx_description
1 polymer 'MHC class II HLA-DQ8'
2 polymer 'MHC class II HLA-DQ8'
3 polymer 'insulin B peptide'
4 non-polymer 2-acetamido-2-deoxy-beta-D-glucopyranose
5 water water
#
loop_
_entity_poly.entity_id
_entity_poly.type
_entity_poly.pdbx_seq_one_letter_code
_entity_poly.pdbx_strand_id
1 'polypeptide(L)'
;VADHVASYGVNLYQSYGPSGQYSHEFDGDEEFYVDLERKETVWQLPLFRRFRRFDPQFALTNIAVLKHNLNIVIKRSNST
AATNEVPEVTVFSKSPVTLGQPNTLICLVDNIFPPVVNITWLSNGHSVTEGVSETSFLSKSDHSFFKISYLTFLPSADEI
YDCKVEHWGLDEPLLKHWEPE
;
A
2 'polypeptide(L)'
;SPEDFVYQFKGMCYFTNGTERVRLVTRYIYNREEYARFDSDVGVYRAVTPLGPPAAEYWNSQKEVLERTRAELDTVCRHN
YQLELRTTLQRRVEPTVTISPSRTEALNHHNLLVCSVTDFYPAQIKVRWFRNDQEETTGVVSTPLIRNGDWTFQILVMLE
MTPQRGDVYTCHVEHPSLQNPIIVEWRAQS
;
B
3 'polypeptide(L)' LVEALYLVCGERGG C
#
loop_
_chem_comp.id
_chem_comp.type
_chem_comp.name
_chem_comp.formula
NAG D-saccharide, beta linking 2-acetamido-2-deoxy-beta-D-glucopyranose 'C8 H15 N O6'
#
# COMPACT_ATOMS: atom_id res chain seq x y z
N VAL A 1 -0.12 0.28 16.67
CA VAL A 1 -1.09 1.14 17.41
C VAL A 1 -0.69 2.60 17.30
N ALA A 2 0.22 2.89 16.36
CA ALA A 2 0.69 4.25 16.16
C ALA A 2 -0.31 4.99 15.26
N ASP A 3 -0.46 6.29 15.46
CA ASP A 3 -1.38 7.06 14.64
C ASP A 3 -0.91 7.09 13.18
N HIS A 4 0.40 7.04 12.98
CA HIS A 4 0.98 7.05 11.65
C HIS A 4 2.24 6.22 11.60
N VAL A 5 2.44 5.55 10.47
CA VAL A 5 3.60 4.72 10.26
C VAL A 5 4.25 5.17 8.97
N ALA A 6 5.56 5.39 8.99
CA ALA A 6 6.25 5.83 7.79
C ALA A 6 7.53 5.04 7.55
N SER A 7 7.85 4.83 6.28
CA SER A 7 9.06 4.14 5.89
C SER A 7 9.90 5.11 5.06
N TYR A 8 10.76 5.87 5.73
CA TYR A 8 11.59 6.81 5.02
C TYR A 8 12.83 6.06 4.62
N GLY A 9 12.56 5.03 3.82
CA GLY A 9 13.59 4.16 3.34
C GLY A 9 13.13 2.72 3.17
N VAL A 10 12.42 2.44 2.08
CA VAL A 10 12.05 1.07 1.79
C VAL A 10 13.04 0.76 0.68
N ASN A 11 14.12 0.08 1.04
CA ASN A 11 15.17 -0.26 0.10
C ASN A 11 15.16 -1.74 -0.25
N LEU A 12 15.19 -2.04 -1.53
CA LEU A 12 15.17 -3.42 -2.00
C LEU A 12 16.24 -3.67 -3.06
N TYR A 13 16.89 -4.84 -3.00
CA TYR A 13 17.88 -5.24 -3.98
C TYR A 13 17.90 -6.76 -4.18
N GLN A 14 17.67 -7.19 -5.42
CA GLN A 14 17.62 -8.60 -5.79
C GLN A 14 18.74 -9.03 -6.74
N SER A 15 19.20 -10.27 -6.56
CA SER A 15 20.25 -10.81 -7.42
C SER A 15 19.64 -11.07 -8.79
N TYR A 16 18.36 -11.44 -8.79
CA TYR A 16 17.66 -11.70 -10.04
C TYR A 16 17.52 -10.37 -10.78
N GLY A 17 18.19 -10.28 -11.93
CA GLY A 17 18.15 -9.06 -12.71
C GLY A 17 19.55 -8.61 -13.08
N PRO A 18 20.26 -7.97 -12.14
CA PRO A 18 19.80 -7.62 -10.79
C PRO A 18 18.81 -6.46 -10.85
N SER A 19 18.06 -6.26 -9.76
CA SER A 19 17.09 -5.18 -9.72
C SER A 19 16.87 -4.69 -8.30
N GLY A 20 16.40 -3.47 -8.17
CA GLY A 20 16.14 -2.92 -6.86
C GLY A 20 15.03 -1.91 -6.88
N GLN A 21 14.70 -1.38 -5.72
CA GLN A 21 13.65 -0.39 -5.61
C GLN A 21 13.93 0.52 -4.44
N TYR A 22 13.62 1.80 -4.61
CA TYR A 22 13.76 2.76 -3.53
C TYR A 22 12.51 3.63 -3.53
N SER A 23 11.85 3.69 -2.38
CA SER A 23 10.64 4.47 -2.27
C SER A 23 10.38 4.85 -0.83
N HIS A 24 9.43 5.76 -0.65
CA HIS A 24 9.04 6.19 0.68
C HIS A 24 7.55 5.96 0.79
N GLU A 25 7.11 5.61 1.98
CA GLU A 25 5.69 5.35 2.19
C GLU A 25 5.20 6.08 3.43
N PHE A 26 3.91 6.37 3.44
CA PHE A 26 3.30 7.00 4.61
C PHE A 26 1.87 6.45 4.74
N ASP A 27 1.62 5.77 5.84
CA ASP A 27 0.33 5.16 6.12
C ASP A 27 -0.05 4.21 5.00
N GLY A 28 0.91 3.39 4.58
CA GLY A 28 0.66 2.39 3.56
C GLY A 28 0.60 2.81 2.10
N ASP A 29 0.83 4.08 1.78
CA ASP A 29 0.80 4.52 0.39
C ASP A 29 2.19 4.97 -0.06
N GLU A 30 2.45 4.87 -1.37
CA GLU A 30 3.74 5.25 -1.91
C GLU A 30 3.82 6.75 -2.16
N GLU A 31 4.75 7.43 -1.46
CA GLU A 31 4.94 8.86 -1.65
C GLU A 31 5.72 9.09 -2.92
N PHE A 32 6.70 8.23 -3.16
CA PHE A 32 7.53 8.33 -4.36
C PHE A 32 8.49 7.16 -4.46
N TYR A 33 9.06 7.00 -5.64
CA TYR A 33 10.07 5.96 -5.89
C TYR A 33 11.12 6.64 -6.74
N VAL A 34 12.32 6.11 -6.72
CA VAL A 34 13.39 6.70 -7.51
C VAL A 34 13.71 5.79 -8.68
N ASP A 35 13.55 6.33 -9.89
CA ASP A 35 13.87 5.57 -11.08
C ASP A 35 15.38 5.37 -10.96
N LEU A 36 15.78 4.13 -10.71
CA LEU A 36 17.20 3.84 -10.53
C LEU A 36 18.03 4.02 -11.78
N GLU A 37 17.47 3.68 -12.94
CA GLU A 37 18.19 3.81 -14.20
C GLU A 37 18.31 5.25 -14.67
N ARG A 38 17.26 6.04 -14.43
CA ARG A 38 17.26 7.43 -14.86
C ARG A 38 17.66 8.40 -13.76
N LYS A 39 17.81 7.88 -12.54
CA LYS A 39 18.15 8.73 -11.40
C LYS A 39 17.22 9.94 -11.32
N GLU A 40 15.92 9.66 -11.25
CA GLU A 40 14.92 10.72 -11.15
C GLU A 40 13.86 10.33 -10.12
N THR A 41 13.53 11.25 -9.22
CA THR A 41 12.51 10.99 -8.21
C THR A 41 11.13 11.14 -8.85
N VAL A 42 10.27 10.14 -8.66
CA VAL A 42 8.93 10.18 -9.22
C VAL A 42 7.87 10.20 -8.12
N TRP A 43 7.40 11.40 -7.77
CA TRP A 43 6.39 11.55 -6.72
C TRP A 43 5.04 11.05 -7.20
N GLN A 44 4.22 10.58 -6.27
CA GLN A 44 2.92 10.02 -6.63
C GLN A 44 1.72 10.97 -6.63
N LEU A 45 1.95 12.21 -6.23
CA LEU A 45 0.86 13.18 -6.21
C LEU A 45 1.34 14.56 -6.62
N PRO A 46 0.49 15.33 -7.30
CA PRO A 46 0.82 16.68 -7.76
C PRO A 46 1.19 17.52 -6.55
N LEU A 47 0.46 17.27 -5.46
CA LEU A 47 0.70 17.98 -4.22
C LEU A 47 2.13 17.78 -3.77
N PHE A 48 2.64 16.55 -3.89
CA PHE A 48 4.01 16.25 -3.48
C PHE A 48 5.09 16.85 -4.39
N ARG A 49 4.94 16.72 -5.71
CA ARG A 49 5.91 17.29 -6.64
C ARG A 49 6.00 18.81 -6.42
N ARG A 50 4.90 19.41 -6.01
CA ARG A 50 4.83 20.85 -5.76
C ARG A 50 5.54 21.32 -4.50
N PHE A 51 5.35 20.61 -3.38
CA PHE A 51 5.95 21.02 -2.10
C PHE A 51 7.14 20.26 -1.54
N ARG A 52 7.49 19.11 -2.11
CA ARG A 52 8.63 18.39 -1.56
C ARG A 52 9.66 17.92 -2.58
N ARG A 53 10.91 17.79 -2.13
CA ARG A 53 11.98 17.37 -3.01
C ARG A 53 12.96 16.41 -2.33
N PHE A 54 13.33 15.36 -3.06
CA PHE A 54 14.22 14.32 -2.57
C PHE A 54 15.29 14.04 -3.61
N ASP A 55 16.55 14.09 -3.19
CA ASP A 55 17.68 13.86 -4.11
C ASP A 55 17.78 12.38 -4.50
N PRO A 56 17.59 12.06 -5.78
CA PRO A 56 17.66 10.69 -6.31
C PRO A 56 18.99 10.01 -5.99
N GLN A 57 20.06 10.80 -5.96
CA GLN A 57 21.36 10.26 -5.71
C GLN A 57 21.41 9.50 -4.39
N PHE A 58 20.63 9.94 -3.40
CA PHE A 58 20.64 9.28 -2.10
C PHE A 58 20.11 7.86 -2.23
N ALA A 59 19.12 7.67 -3.08
CA ALA A 59 18.55 6.36 -3.29
C ALA A 59 19.64 5.45 -3.87
N LEU A 60 20.33 5.93 -4.90
CA LEU A 60 21.39 5.16 -5.55
C LEU A 60 22.51 4.73 -4.61
N THR A 61 22.91 5.62 -3.70
CA THR A 61 23.97 5.31 -2.76
C THR A 61 23.57 4.23 -1.76
N ASN A 62 22.32 4.28 -1.29
CA ASN A 62 21.82 3.31 -0.34
C ASN A 62 21.74 1.95 -1.01
N ILE A 63 21.12 1.93 -2.18
CA ILE A 63 20.97 0.71 -2.94
C ILE A 63 22.32 0.07 -3.18
N ALA A 64 23.36 0.87 -3.33
CA ALA A 64 24.70 0.35 -3.55
C ALA A 64 25.20 -0.40 -2.31
N VAL A 65 24.86 0.11 -1.13
CA VAL A 65 25.29 -0.55 0.09
C VAL A 65 24.49 -1.85 0.25
N LEU A 66 23.22 -1.86 -0.17
CA LEU A 66 22.41 -3.09 -0.07
C LEU A 66 23.02 -4.22 -0.89
N LYS A 67 23.57 -3.88 -2.05
CA LYS A 67 24.22 -4.86 -2.92
C LYS A 67 25.43 -5.39 -2.15
N HIS A 68 26.15 -4.48 -1.52
CA HIS A 68 27.33 -4.82 -0.72
C HIS A 68 26.93 -5.77 0.39
N ASN A 69 25.80 -5.49 1.05
CA ASN A 69 25.30 -6.32 2.15
C ASN A 69 24.78 -7.69 1.68
N LEU A 70 23.97 -7.68 0.61
CA LEU A 70 23.41 -8.93 0.09
C LEU A 70 24.47 -10.00 -0.20
N ASN A 71 25.51 -9.62 -0.95
CA ASN A 71 26.56 -10.56 -1.28
C ASN A 71 27.20 -11.16 -0.05
N ILE A 72 27.39 -10.33 0.96
CA ILE A 72 27.98 -10.78 2.19
C ILE A 72 27.06 -11.72 2.96
N VAL A 73 25.76 -11.45 2.95
CA VAL A 73 24.83 -12.32 3.66
C VAL A 73 24.50 -13.59 2.88
N ILE A 74 24.68 -13.55 1.57
CA ILE A 74 24.43 -14.74 0.78
C ILE A 74 25.45 -15.77 1.24
N LYS A 75 26.70 -15.31 1.41
CA LYS A 75 27.79 -16.19 1.87
C LYS A 75 27.55 -16.64 3.29
N ARG A 76 27.20 -15.71 4.18
CA ARG A 76 26.96 -16.06 5.56
C ARG A 76 25.86 -17.11 5.73
N SER A 77 24.85 -17.09 4.86
CA SER A 77 23.73 -18.03 4.96
C SER A 77 23.91 -19.27 4.11
N ASN A 78 25.12 -19.50 3.62
CA ASN A 78 25.38 -20.65 2.76
C ASN A 78 24.49 -20.61 1.54
N SER A 79 24.28 -19.41 1.02
CA SER A 79 23.46 -19.20 -0.17
C SER A 79 21.99 -19.58 -0.04
N THR A 80 21.39 -19.38 1.12
CA THR A 80 19.97 -19.71 1.30
C THR A 80 19.15 -18.83 0.35
N ALA A 81 18.45 -19.46 -0.59
CA ALA A 81 17.63 -18.75 -1.56
C ALA A 81 16.22 -18.42 -1.03
N ALA A 82 15.59 -17.42 -1.63
CA ALA A 82 14.26 -17.03 -1.19
C ALA A 82 13.23 -18.09 -1.54
N THR A 83 12.18 -18.15 -0.73
CA THR A 83 11.09 -19.07 -0.93
C THR A 83 10.01 -18.32 -1.71
N ASN A 84 9.39 -18.99 -2.68
CA ASN A 84 8.35 -18.36 -3.47
C ASN A 84 7.03 -18.45 -2.68
N GLU A 85 6.21 -17.42 -2.79
CA GLU A 85 4.93 -17.40 -2.09
C GLU A 85 3.84 -17.46 -3.12
N VAL A 86 2.64 -17.85 -2.70
CA VAL A 86 1.50 -17.90 -3.60
C VAL A 86 0.81 -16.54 -3.54
N PRO A 87 0.70 -15.85 -4.68
CA PRO A 87 0.06 -14.53 -4.73
C PRO A 87 -1.46 -14.64 -4.58
N GLU A 88 -2.06 -13.67 -3.90
CA GLU A 88 -3.51 -13.60 -3.76
C GLU A 88 -3.92 -12.45 -4.66
N VAL A 89 -4.82 -12.74 -5.61
CA VAL A 89 -5.27 -11.72 -6.56
C VAL A 89 -6.73 -11.34 -6.34
N THR A 90 -6.99 -10.03 -6.35
CA THR A 90 -8.35 -9.52 -6.16
C THR A 90 -8.61 -8.38 -7.13
N VAL A 91 -9.72 -8.48 -7.86
CA VAL A 91 -10.10 -7.47 -8.83
C VAL A 91 -11.38 -6.77 -8.43
N PHE A 92 -11.39 -5.44 -8.57
CA PHE A 92 -12.55 -4.64 -8.22
C PHE A 92 -12.53 -3.27 -8.88
N SER A 93 -13.70 -2.68 -9.00
CA SER A 93 -13.89 -1.38 -9.63
C SER A 93 -13.51 -0.23 -8.70
N LYS A 94 -13.02 0.87 -9.27
CA LYS A 94 -12.66 2.05 -8.48
C LYS A 94 -13.91 2.87 -8.17
N SER A 95 -14.85 2.90 -9.11
CA SER A 95 -16.08 3.68 -8.94
C SER A 95 -17.29 2.83 -9.27
N PRO A 96 -18.47 3.20 -8.73
CA PRO A 96 -19.66 2.41 -9.04
C PRO A 96 -19.70 2.24 -10.56
N VAL A 97 -20.06 1.05 -11.03
CA VAL A 97 -20.09 0.81 -12.46
C VAL A 97 -21.39 1.21 -13.13
N THR A 98 -21.30 2.18 -14.04
CA THR A 98 -22.46 2.66 -14.79
C THR A 98 -22.07 2.64 -16.25
N LEU A 99 -22.79 1.84 -17.03
CA LEU A 99 -22.52 1.70 -18.45
C LEU A 99 -22.33 3.01 -19.19
N GLY A 100 -21.27 3.07 -20.00
CA GLY A 100 -20.99 4.24 -20.79
C GLY A 100 -20.16 5.27 -20.06
N GLN A 101 -20.01 5.10 -18.74
CA GLN A 101 -19.26 6.05 -17.93
C GLN A 101 -17.84 5.58 -17.61
N PRO A 102 -16.83 6.33 -18.08
CA PRO A 102 -15.41 5.99 -17.85
C PRO A 102 -15.14 5.58 -16.41
N ASN A 103 -14.37 4.51 -16.24
CA ASN A 103 -14.05 4.01 -14.91
C ASN A 103 -12.61 3.46 -14.92
N THR A 104 -12.27 2.74 -13.85
CA THR A 104 -10.95 2.14 -13.74
C THR A 104 -11.04 0.84 -12.94
N LEU A 105 -10.48 -0.23 -13.50
CA LEU A 105 -10.47 -1.50 -12.79
C LEU A 105 -9.20 -1.56 -11.97
N ILE A 106 -9.29 -2.15 -10.78
CA ILE A 106 -8.12 -2.25 -9.91
C ILE A 106 -7.82 -3.71 -9.62
N CYS A 107 -6.58 -4.11 -9.86
CA CYS A 107 -6.13 -5.49 -9.62
C CYS A 107 -5.05 -5.52 -8.57
N LEU A 108 -5.41 -6.03 -7.40
CA LEU A 108 -4.50 -6.11 -6.26
C LEU A 108 -3.84 -7.49 -6.17
N VAL A 109 -2.51 -7.49 -6.22
CA VAL A 109 -1.74 -8.73 -6.10
C VAL A 109 -1.07 -8.70 -4.74
N ASP A 110 -1.62 -9.47 -3.81
CA ASP A 110 -1.13 -9.51 -2.44
C ASP A 110 -0.18 -10.67 -2.15
N ASN A 111 0.53 -10.58 -1.02
CA ASN A 111 1.49 -11.59 -0.57
C ASN A 111 2.47 -11.97 -1.68
N ILE A 112 3.16 -10.98 -2.21
CA ILE A 112 4.13 -11.23 -3.27
C ILE A 112 5.53 -11.39 -2.69
N PHE A 113 6.23 -12.42 -3.15
CA PHE A 113 7.61 -12.67 -2.73
C PHE A 113 8.17 -13.88 -3.44
N PRO A 114 9.36 -13.73 -4.07
CA PRO A 114 10.11 -12.46 -4.09
C PRO A 114 9.43 -11.42 -4.98
N PRO A 115 9.87 -10.15 -4.88
CA PRO A 115 9.28 -9.09 -5.69
C PRO A 115 9.61 -9.15 -7.20
N VAL A 116 9.03 -10.13 -7.89
CA VAL A 116 9.21 -10.30 -9.34
C VAL A 116 7.84 -10.78 -9.78
N VAL A 117 7.15 -9.98 -10.58
CA VAL A 117 5.81 -10.37 -10.98
C VAL A 117 5.44 -9.79 -12.34
N ASN A 118 4.50 -10.43 -13.01
CA ASN A 118 4.04 -9.96 -14.30
C ASN A 118 2.53 -9.79 -14.22
N ILE A 119 2.09 -8.54 -14.22
CA ILE A 119 0.67 -8.23 -14.14
C ILE A 119 0.21 -7.55 -15.41
N THR A 120 -0.62 -8.25 -16.17
CA THR A 120 -1.15 -7.70 -17.41
C THR A 120 -2.66 -7.91 -17.45
N TRP A 121 -3.33 -7.19 -18.34
CA TRP A 121 -4.78 -7.29 -18.47
C TRP A 121 -5.26 -7.87 -19.79
N LEU A 122 -6.45 -8.47 -19.74
CA LEU A 122 -7.09 -9.05 -20.92
C LEU A 122 -8.48 -8.46 -21.08
N SER A 123 -8.79 -8.09 -22.32
CA SER A 123 -10.07 -7.51 -22.67
C SER A 123 -10.69 -8.45 -23.70
N ASN A 124 -11.73 -9.18 -23.28
CA ASN A 124 -12.39 -10.14 -24.15
C ASN A 124 -11.33 -11.09 -24.72
N GLY A 125 -10.48 -11.60 -23.82
CA GLY A 125 -9.46 -12.54 -24.23
C GLY A 125 -8.24 -11.99 -24.93
N HIS A 126 -8.22 -10.68 -25.18
CA HIS A 126 -7.08 -10.07 -25.87
C HIS A 126 -6.21 -9.23 -24.93
N SER A 127 -4.90 -9.26 -25.17
CA SER A 127 -3.96 -8.52 -24.34
C SER A 127 -4.25 -7.03 -24.43
N VAL A 128 -4.20 -6.35 -23.30
CA VAL A 128 -4.47 -4.92 -23.27
C VAL A 128 -3.29 -4.17 -22.69
N THR A 129 -2.74 -3.25 -23.47
CA THR A 129 -1.60 -2.48 -23.01
C THR A 129 -1.98 -1.03 -22.70
N GLU A 130 -2.87 -0.44 -23.50
CA GLU A 130 -3.29 0.94 -23.31
C GLU A 130 -4.11 1.16 -22.05
N GLY A 131 -3.87 2.28 -21.39
CA GLY A 131 -4.61 2.60 -20.18
C GLY A 131 -4.23 1.76 -18.98
N VAL A 132 -3.18 0.95 -19.12
CA VAL A 132 -2.70 0.09 -18.05
C VAL A 132 -1.62 0.82 -17.26
N SER A 133 -1.58 0.57 -15.96
CA SER A 133 -0.62 1.24 -15.11
C SER A 133 -0.43 0.40 -13.84
N GLU A 134 0.55 0.74 -13.01
CA GLU A 134 0.75 -0.02 -11.78
C GLU A 134 1.59 0.69 -10.72
N THR A 135 1.35 0.35 -9.46
CA THR A 135 2.12 0.93 -8.36
C THR A 135 3.47 0.22 -8.33
N SER A 136 4.35 0.65 -7.44
CA SER A 136 5.65 0.00 -7.25
C SER A 136 5.32 -1.14 -6.28
N PHE A 137 6.33 -1.79 -5.73
CA PHE A 137 6.07 -2.83 -4.75
C PHE A 137 5.87 -2.12 -3.40
N LEU A 138 4.69 -2.30 -2.79
CA LEU A 138 4.41 -1.70 -1.49
C LEU A 138 4.81 -2.71 -0.45
N SER A 139 5.39 -2.24 0.65
CA SER A 139 5.84 -3.14 1.71
C SER A 139 4.72 -3.69 2.60
N LYS A 140 5.05 -4.75 3.34
CA LYS A 140 4.14 -5.43 4.26
C LYS A 140 4.94 -5.75 5.51
N SER A 141 4.32 -5.64 6.68
CA SER A 141 5.02 -5.91 7.93
C SER A 141 5.63 -7.32 7.97
N ASP A 142 5.08 -8.23 7.18
CA ASP A 142 5.58 -9.60 7.16
C ASP A 142 6.77 -9.74 6.19
N HIS A 143 7.15 -8.61 5.58
CA HIS A 143 8.27 -8.50 4.65
C HIS A 143 8.04 -8.96 3.22
N SER A 144 6.78 -9.23 2.90
CA SER A 144 6.43 -9.60 1.53
C SER A 144 5.98 -8.26 0.96
N PHE A 145 5.47 -8.25 -0.27
CA PHE A 145 5.03 -7.01 -0.90
C PHE A 145 3.65 -7.20 -1.53
N PHE A 146 3.09 -6.10 -2.02
CA PHE A 146 1.84 -6.17 -2.74
C PHE A 146 1.95 -5.08 -3.78
N LYS A 147 1.40 -5.33 -4.96
CA LYS A 147 1.44 -4.38 -6.05
C LYS A 147 0.06 -4.28 -6.65
N ILE A 148 -0.32 -3.09 -7.09
CA ILE A 148 -1.64 -2.83 -7.63
C ILE A 148 -1.58 -2.34 -9.07
N SER A 149 -2.33 -3.00 -9.95
CA SER A 149 -2.35 -2.65 -11.36
C SER A 149 -3.67 -2.00 -11.76
N TYR A 150 -3.59 -1.03 -12.68
CA TYR A 150 -4.77 -0.30 -13.12
C TYR A 150 -5.07 -0.42 -14.60
N LEU A 151 -6.36 -0.41 -14.92
CA LEU A 151 -6.85 -0.48 -16.29
C LEU A 151 -8.02 0.48 -16.43
N THR A 152 -7.79 1.59 -17.10
CA THR A 152 -8.86 2.54 -17.29
C THR A 152 -9.76 1.87 -18.32
N PHE A 153 -11.08 2.01 -18.20
CA PHE A 153 -11.96 1.37 -19.15
C PHE A 153 -13.35 1.98 -19.25
N LEU A 154 -14.02 1.65 -20.35
CA LEU A 154 -15.36 2.13 -20.62
C LEU A 154 -16.28 0.94 -20.39
N PRO A 155 -17.07 0.98 -19.30
CA PRO A 155 -17.98 -0.11 -18.97
C PRO A 155 -18.88 -0.47 -20.15
N SER A 156 -18.83 -1.73 -20.56
CA SER A 156 -19.65 -2.19 -21.66
C SER A 156 -20.20 -3.57 -21.41
N ALA A 157 -21.41 -3.80 -21.89
CA ALA A 157 -22.05 -5.10 -21.73
C ALA A 157 -21.37 -6.10 -22.65
N ASP A 158 -20.68 -5.60 -23.68
CA ASP A 158 -20.00 -6.47 -24.63
C ASP A 158 -18.50 -6.60 -24.37
N GLU A 159 -18.08 -6.32 -23.14
CA GLU A 159 -16.66 -6.40 -22.82
C GLU A 159 -16.40 -6.91 -21.42
N ILE A 160 -15.51 -7.89 -21.30
CA ILE A 160 -15.17 -8.48 -20.00
C ILE A 160 -13.66 -8.47 -19.77
N TYR A 161 -13.23 -8.72 -18.53
CA TYR A 161 -11.81 -8.67 -18.25
C TYR A 161 -11.26 -9.76 -17.36
N ASP A 162 -9.93 -9.82 -17.35
CA ASP A 162 -9.19 -10.77 -16.56
C ASP A 162 -7.88 -10.09 -16.19
N CYS A 163 -7.46 -10.24 -14.95
CA CYS A 163 -6.19 -9.69 -14.52
C CYS A 163 -5.25 -10.89 -14.58
N LYS A 164 -4.24 -10.82 -15.43
CA LYS A 164 -3.32 -11.95 -15.54
C LYS A 164 -2.09 -11.77 -14.67
N VAL A 165 -1.91 -12.66 -13.70
CA VAL A 165 -0.77 -12.59 -12.80
C VAL A 165 0.21 -13.75 -13.02
N GLU A 166 1.49 -13.41 -13.25
CA GLU A 166 2.55 -14.39 -13.46
C GLU A 166 3.59 -14.24 -12.36
N HIS A 167 3.80 -15.32 -11.61
CA HIS A 167 4.74 -15.36 -10.49
C HIS A 167 5.27 -16.78 -10.31
N TRP A 168 6.57 -16.92 -10.04
CA TRP A 168 7.14 -18.25 -9.86
C TRP A 168 6.45 -19.05 -8.77
N GLY A 169 5.64 -18.37 -7.95
CA GLY A 169 4.93 -19.05 -6.88
C GLY A 169 3.62 -19.65 -7.35
N LEU A 170 3.37 -19.57 -8.65
CA LEU A 170 2.16 -20.11 -9.26
C LEU A 170 2.48 -21.20 -10.27
N ASP A 171 1.80 -22.34 -10.13
CA ASP A 171 1.99 -23.46 -11.04
C ASP A 171 1.81 -23.03 -12.50
N GLU A 172 0.97 -22.02 -12.71
CA GLU A 172 0.68 -21.47 -14.04
C GLU A 172 0.03 -20.08 -13.90
N PRO A 173 -0.01 -19.30 -14.99
CA PRO A 173 -0.62 -17.97 -14.95
C PRO A 173 -1.99 -17.97 -14.27
N LEU A 174 -2.23 -16.96 -13.44
CA LEU A 174 -3.49 -16.84 -12.71
C LEU A 174 -4.40 -15.83 -13.40
N LEU A 175 -5.67 -16.16 -13.50
CA LEU A 175 -6.65 -15.29 -14.14
C LEU A 175 -7.85 -14.96 -13.25
N LYS A 176 -8.00 -13.68 -12.93
CA LYS A 176 -9.14 -13.23 -12.12
C LYS A 176 -10.10 -12.44 -13.00
N HIS A 177 -11.17 -13.11 -13.37
CA HIS A 177 -12.20 -12.53 -14.24
C HIS A 177 -13.00 -11.41 -13.60
N TRP A 178 -13.53 -10.52 -14.42
CA TRP A 178 -14.33 -9.41 -13.94
C TRP A 178 -15.18 -8.84 -15.07
N GLU A 179 -16.44 -8.52 -14.78
CA GLU A 179 -17.34 -7.94 -15.76
C GLU A 179 -18.52 -7.21 -15.12
N PRO A 180 -18.97 -6.11 -15.73
CA PRO A 180 -20.08 -5.34 -15.17
C PRO A 180 -21.33 -6.16 -14.84
N GLU A 181 -21.47 -6.82 -13.94
CA GLU A 181 -22.64 -7.64 -13.67
C GLU A 181 -23.93 -6.86 -13.87
N SER B 1 11.91 -22.24 -12.33
CA SER B 1 11.92 -21.04 -11.45
C SER B 1 13.34 -20.73 -10.95
N PRO B 2 13.88 -19.55 -11.33
CA PRO B 2 15.22 -19.11 -10.94
C PRO B 2 15.35 -18.91 -9.44
N GLU B 3 16.58 -18.90 -8.94
CA GLU B 3 16.72 -18.67 -7.52
C GLU B 3 16.90 -17.19 -7.33
N ASP B 4 16.34 -16.67 -6.26
CA ASP B 4 16.42 -15.26 -5.98
C ASP B 4 16.94 -14.98 -4.57
N PHE B 5 17.86 -14.03 -4.50
CA PHE B 5 18.43 -13.62 -3.23
C PHE B 5 17.98 -12.18 -3.05
N VAL B 6 17.14 -11.97 -2.04
CA VAL B 6 16.59 -10.66 -1.78
C VAL B 6 17.09 -9.99 -0.50
N TYR B 7 17.37 -8.70 -0.60
CA TYR B 7 17.81 -7.95 0.56
C TYR B 7 16.83 -6.80 0.77
N GLN B 8 16.54 -6.48 2.02
CA GLN B 8 15.64 -5.39 2.31
C GLN B 8 16.14 -4.57 3.49
N PHE B 9 16.01 -3.26 3.35
CA PHE B 9 16.36 -2.35 4.43
C PHE B 9 15.19 -1.42 4.56
N LYS B 10 14.66 -1.33 5.77
CA LYS B 10 13.53 -0.45 6.03
C LYS B 10 13.82 0.54 7.16
N GLY B 11 13.70 1.84 6.87
CA GLY B 11 13.92 2.85 7.88
C GLY B 11 12.52 3.31 8.23
N MET B 12 12.02 2.93 9.40
CA MET B 12 10.65 3.27 9.79
C MET B 12 10.47 4.16 11.00
N CYS B 13 9.47 5.03 10.91
CA CYS B 13 9.13 5.97 11.98
C CYS B 13 7.70 5.72 12.41
N TYR B 14 7.48 5.62 13.72
CA TYR B 14 6.13 5.43 14.25
C TYR B 14 5.71 6.68 15.05
N PHE B 15 4.61 7.31 14.60
CA PHE B 15 4.10 8.54 15.22
C PHE B 15 2.78 8.36 15.97
N THR B 16 2.73 8.90 17.18
CA THR B 16 1.53 8.85 18.03
C THR B 16 1.36 10.22 18.68
N ASN B 17 0.18 10.82 18.52
CA ASN B 17 -0.12 12.12 19.12
C ASN B 17 0.85 13.19 18.61
N GLY B 18 0.69 13.61 17.35
CA GLY B 18 1.59 14.59 16.78
C GLY B 18 2.98 14.01 16.87
N THR B 19 3.90 14.73 17.48
CA THR B 19 5.26 14.20 17.62
C THR B 19 5.57 14.02 19.10
N GLU B 20 4.51 13.77 19.88
CA GLU B 20 4.63 13.56 21.32
C GLU B 20 5.43 12.29 21.56
N ARG B 21 5.00 11.23 20.89
CA ARG B 21 5.68 9.96 20.98
C ARG B 21 6.14 9.56 19.59
N VAL B 22 7.45 9.40 19.43
CA VAL B 22 8.03 9.01 18.15
C VAL B 22 8.97 7.85 18.36
N ARG B 23 8.78 6.80 17.56
CA ARG B 23 9.63 5.62 17.65
C ARG B 23 10.28 5.30 16.31
N LEU B 24 11.60 5.12 16.34
CA LEU B 24 12.37 4.80 15.16
C LEU B 24 12.81 3.35 15.15
N VAL B 25 12.65 2.70 13.99
CA VAL B 25 13.05 1.31 13.85
C VAL B 25 13.61 1.03 12.46
N THR B 26 14.89 0.66 12.39
CA THR B 26 15.53 0.31 11.11
C THR B 26 15.63 -1.22 11.09
N ARG B 27 15.26 -1.81 9.96
CA ARG B 27 15.24 -3.26 9.83
C ARG B 27 16.06 -3.78 8.65
N TYR B 28 16.96 -4.74 8.90
CA TYR B 28 17.77 -5.35 7.85
C TYR B 28 17.22 -6.75 7.56
N ILE B 29 16.81 -6.99 6.32
CA ILE B 29 16.21 -8.28 5.98
C ILE B 29 16.89 -9.02 4.86
N TYR B 30 17.00 -10.34 5.01
CA TYR B 30 17.58 -11.22 4.02
C TYR B 30 16.44 -12.12 3.59
N ASN B 31 15.97 -11.92 2.37
CA ASN B 31 14.82 -12.64 1.85
C ASN B 31 13.61 -12.15 2.64
N ARG B 32 13.19 -12.91 3.63
CA ARG B 32 12.04 -12.45 4.41
C ARG B 32 12.31 -12.49 5.89
N GLU B 33 13.58 -12.65 6.26
CA GLU B 33 13.88 -12.69 7.67
C GLU B 33 14.68 -11.50 8.14
N GLU B 34 14.07 -10.76 9.07
CA GLU B 34 14.68 -9.58 9.67
C GLU B 34 15.74 -10.14 10.60
N TYR B 35 17.00 -10.08 10.17
CA TYR B 35 18.10 -10.63 10.96
C TYR B 35 18.77 -9.63 11.89
N ALA B 36 18.51 -8.34 11.70
CA ALA B 36 19.11 -7.33 12.56
C ALA B 36 18.26 -6.08 12.55
N ARG B 37 18.27 -5.35 13.67
CA ARG B 37 17.48 -4.14 13.74
C ARG B 37 17.93 -3.16 14.82
N PHE B 38 17.41 -1.94 14.71
CA PHE B 38 17.67 -0.90 15.67
C PHE B 38 16.32 -0.26 15.99
N ASP B 39 15.99 -0.23 17.27
CA ASP B 39 14.72 0.32 17.75
C ASP B 39 15.07 1.43 18.74
N SER B 40 14.59 2.63 18.49
CA SER B 40 14.92 3.76 19.38
C SER B 40 14.50 3.57 20.86
N ASP B 41 13.55 2.68 21.13
CA ASP B 41 13.13 2.45 22.50
C ASP B 41 14.23 1.80 23.36
N VAL B 42 15.18 1.12 22.71
CA VAL B 42 16.26 0.44 23.43
C VAL B 42 17.56 1.20 23.22
N GLY B 43 17.81 1.59 21.98
CA GLY B 43 19.01 2.36 21.67
C GLY B 43 20.27 1.67 21.21
N VAL B 44 20.21 0.39 20.89
CA VAL B 44 21.42 -0.30 20.46
C VAL B 44 21.04 -1.32 19.37
N TYR B 45 21.98 -1.68 18.50
CA TYR B 45 21.65 -2.64 17.46
C TYR B 45 21.44 -4.03 18.05
N ARG B 46 20.51 -4.78 17.47
CA ARG B 46 20.21 -6.13 17.95
C ARG B 46 20.22 -7.17 16.85
N ALA B 47 20.82 -8.31 17.15
CA ALA B 47 20.81 -9.42 16.23
C ALA B 47 19.47 -10.06 16.58
N VAL B 48 18.54 -10.10 15.63
CA VAL B 48 17.25 -10.70 15.94
C VAL B 48 17.33 -12.21 15.73
N THR B 49 18.21 -12.64 14.84
CA THR B 49 18.40 -14.06 14.56
C THR B 49 19.90 -14.37 14.57
N PRO B 50 20.27 -15.66 14.53
CA PRO B 50 21.70 -15.98 14.53
C PRO B 50 22.42 -15.53 13.27
N LEU B 51 21.68 -14.89 12.38
CA LEU B 51 22.27 -14.41 11.14
C LEU B 51 22.80 -12.98 11.32
N GLY B 52 22.40 -12.33 12.41
CA GLY B 52 22.81 -10.95 12.64
C GLY B 52 23.96 -10.57 13.57
N PRO B 53 24.49 -11.48 14.42
CA PRO B 53 25.60 -11.07 15.30
C PRO B 53 26.77 -10.35 14.61
N PRO B 54 27.18 -10.80 13.41
CA PRO B 54 28.30 -10.10 12.76
C PRO B 54 27.95 -8.66 12.44
N ALA B 55 26.67 -8.41 12.19
CA ALA B 55 26.22 -7.07 11.86
C ALA B 55 26.06 -6.18 13.10
N ALA B 56 25.24 -6.64 14.04
CA ALA B 56 24.98 -5.87 15.26
C ALA B 56 26.30 -5.52 15.95
N GLU B 57 27.19 -6.51 16.03
CA GLU B 57 28.49 -6.34 16.66
C GLU B 57 29.31 -5.27 15.94
N TYR B 58 29.34 -5.37 14.61
CA TYR B 58 30.10 -4.41 13.81
C TYR B 58 29.62 -2.98 14.05
N TRP B 59 28.31 -2.77 13.93
CA TRP B 59 27.76 -1.45 14.13
C TRP B 59 27.80 -0.94 15.57
N ASN B 60 27.61 -1.82 16.55
CA ASN B 60 27.66 -1.35 17.93
C ASN B 60 29.07 -0.95 18.38
N SER B 61 30.08 -1.47 17.69
CA SER B 61 31.47 -1.18 18.02
C SER B 61 31.92 0.19 17.51
N GLN B 62 31.05 0.86 16.75
CA GLN B 62 31.40 2.15 16.19
C GLN B 62 30.58 3.27 16.80
N LYS B 63 31.25 4.09 17.61
CA LYS B 63 30.61 5.20 18.30
C LYS B 63 29.77 6.16 17.45
N GLU B 64 30.37 6.73 16.41
CA GLU B 64 29.64 7.67 15.56
C GLU B 64 28.40 7.07 14.89
N VAL B 65 28.44 5.78 14.57
CA VAL B 65 27.29 5.13 13.93
C VAL B 65 26.10 5.02 14.89
N LEU B 66 26.39 4.69 16.15
CA LEU B 66 25.33 4.54 17.15
C LEU B 66 24.71 5.90 17.41
N GLU B 67 25.56 6.90 17.58
CA GLU B 67 25.07 8.24 17.83
C GLU B 67 24.28 8.75 16.63
N ARG B 68 24.86 8.63 15.45
CA ARG B 68 24.21 9.09 14.23
C ARG B 68 22.84 8.44 14.04
N THR B 69 22.77 7.13 14.32
CA THR B 69 21.51 6.41 14.18
C THR B 69 20.53 6.99 15.19
N ARG B 70 20.94 7.03 16.45
CA ARG B 70 20.09 7.55 17.50
C ARG B 70 19.55 8.92 17.12
N ALA B 71 20.38 9.73 16.49
CA ALA B 71 19.97 11.08 16.07
C ALA B 71 18.97 11.08 14.91
N GLU B 72 18.91 10.00 14.15
CA GLU B 72 17.98 9.94 13.02
C GLU B 72 16.52 10.05 13.46
N LEU B 73 16.24 9.80 14.74
CA LEU B 73 14.88 9.92 15.24
C LEU B 73 14.45 11.35 14.98
N ASP B 74 15.41 12.27 15.06
CA ASP B 74 15.17 13.68 14.84
C ASP B 74 15.46 14.12 13.41
N THR B 75 16.66 13.83 12.90
CA THR B 75 17.03 14.24 11.55
C THR B 75 16.20 13.58 10.46
N VAL B 76 15.58 12.44 10.75
CA VAL B 76 14.75 11.77 9.76
C VAL B 76 13.28 11.81 10.13
N CYS B 77 12.90 11.08 11.18
CA CYS B 77 11.50 11.03 11.63
C CYS B 77 10.85 12.38 11.90
N ARG B 78 11.28 13.05 12.97
CA ARG B 78 10.69 14.34 13.31
C ARG B 78 10.87 15.33 12.15
N HIS B 79 11.99 15.24 11.46
CA HIS B 79 12.25 16.12 10.32
C HIS B 79 11.19 15.98 9.22
N ASN B 80 11.06 14.78 8.66
CA ASN B 80 10.09 14.55 7.61
C ASN B 80 8.64 14.82 8.03
N TYR B 81 8.33 14.53 9.30
CA TYR B 81 7.00 14.74 9.79
C TYR B 81 6.55 16.17 9.49
N GLN B 82 7.49 17.11 9.63
CA GLN B 82 7.19 18.50 9.36
C GLN B 82 6.74 18.69 7.93
N LEU B 83 7.32 17.91 7.02
CA LEU B 83 6.96 17.98 5.61
C LEU B 83 5.65 17.25 5.41
N GLU B 84 5.41 16.25 6.24
CA GLU B 84 4.20 15.46 6.15
C GLU B 84 3.02 16.28 6.66
N LEU B 85 3.28 17.10 7.67
CA LEU B 85 2.25 17.93 8.28
C LEU B 85 1.60 18.91 7.31
N ARG B 86 2.39 19.59 6.49
CA ARG B 86 1.80 20.55 5.56
C ARG B 86 1.45 19.96 4.21
N THR B 87 1.52 18.64 4.08
CA THR B 87 1.14 17.97 2.85
C THR B 87 0.16 16.84 3.16
N THR B 88 0.68 15.62 3.30
CA THR B 88 -0.15 14.45 3.56
C THR B 88 -1.23 14.60 4.64
N LEU B 89 -0.81 15.07 5.81
CA LEU B 89 -1.73 15.20 6.92
C LEU B 89 -2.83 16.22 6.74
N GLN B 90 -2.73 17.08 5.73
CA GLN B 90 -3.77 18.08 5.48
C GLN B 90 -4.49 17.83 4.17
N ARG B 91 -4.10 16.77 3.48
CA ARG B 91 -4.74 16.39 2.24
C ARG B 91 -6.20 16.00 2.56
N ARG B 92 -7.14 16.50 1.77
CA ARG B 92 -8.55 16.20 1.97
C ARG B 92 -9.24 15.95 0.65
N VAL B 93 -9.83 14.76 0.51
CA VAL B 93 -10.55 14.40 -0.71
C VAL B 93 -11.92 13.86 -0.32
N GLU B 94 -12.96 14.60 -0.69
CA GLU B 94 -14.33 14.22 -0.35
C GLU B 94 -14.75 12.97 -1.08
N PRO B 95 -15.53 12.10 -0.42
CA PRO B 95 -16.03 10.87 -0.99
C PRO B 95 -17.28 11.11 -1.83
N THR B 96 -17.46 10.34 -2.89
CA THR B 96 -18.69 10.51 -3.67
C THR B 96 -19.50 9.31 -3.16
N VAL B 97 -20.77 9.54 -2.86
CA VAL B 97 -21.65 8.50 -2.32
C VAL B 97 -22.71 8.05 -3.30
N THR B 98 -22.91 6.73 -3.37
CA THR B 98 -23.88 6.19 -4.31
C THR B 98 -24.68 5.05 -3.69
N ILE B 99 -25.97 4.99 -4.02
CA ILE B 99 -26.83 3.94 -3.54
C ILE B 99 -27.44 3.20 -4.72
N SER B 100 -27.31 1.87 -4.72
CA SER B 100 -27.88 1.05 -5.79
C SER B 100 -28.31 -0.30 -5.23
N PRO B 101 -29.41 -0.88 -5.75
CA PRO B 101 -29.98 -2.16 -5.34
C PRO B 101 -29.00 -3.32 -5.46
N SER B 102 -29.31 -4.39 -4.74
CA SER B 102 -28.49 -5.59 -4.73
C SER B 102 -28.34 -6.18 -6.13
N ARG B 103 -29.17 -6.27 -7.07
CA ARG B 103 -29.22 -6.79 -8.42
C ARG B 103 -29.99 -8.12 -8.40
N THR B 104 -29.22 -9.12 -8.07
CA THR B 104 -29.67 -10.48 -7.97
C THR B 104 -28.70 -11.38 -7.19
N GLU B 105 -28.64 -12.64 -7.63
CA GLU B 105 -27.78 -13.64 -6.99
C GLU B 105 -28.28 -13.99 -5.60
N ALA B 106 -29.37 -13.36 -5.20
CA ALA B 106 -29.97 -13.59 -3.88
C ALA B 106 -29.03 -13.15 -2.77
N LEU B 107 -29.48 -12.15 -2.00
CA LEU B 107 -28.68 -11.63 -0.89
C LEU B 107 -29.04 -12.34 0.40
N ASN B 108 -29.69 -13.50 0.25
CA ASN B 108 -30.14 -14.35 1.37
C ASN B 108 -31.62 -14.18 1.64
N HIS B 109 -32.45 -14.38 0.61
CA HIS B 109 -33.90 -14.25 0.73
C HIS B 109 -34.28 -12.85 1.21
N HIS B 110 -33.27 -12.02 1.32
CA HIS B 110 -33.45 -10.62 1.77
C HIS B 110 -32.67 -9.60 0.97
N ASN B 111 -33.34 -8.86 0.17
CA ASN B 111 -32.86 -7.78 -0.68
C ASN B 111 -31.73 -7.01 -0.04
N LEU B 112 -31.06 -6.18 -0.83
CA LEU B 112 -29.93 -5.44 -0.33
C LEU B 112 -29.76 -4.12 -1.03
N LEU B 113 -29.42 -3.10 -0.25
CA LEU B 113 -29.17 -1.77 -0.76
C LEU B 113 -27.68 -1.61 -0.52
N VAL B 114 -26.94 -1.13 -1.52
CA VAL B 114 -25.51 -0.94 -1.39
C VAL B 114 -25.10 0.53 -1.39
N CYS B 115 -24.54 0.98 -0.27
CA CYS B 115 -24.08 2.36 -0.18
C CYS B 115 -22.58 2.32 -0.38
N SER B 116 -22.13 2.76 -1.55
CA SER B 116 -20.70 2.78 -1.82
C SER B 116 -20.13 4.17 -1.62
N VAL B 117 -19.12 4.26 -0.76
CA VAL B 117 -18.44 5.51 -0.45
C VAL B 117 -17.09 5.38 -1.14
N THR B 118 -16.86 6.21 -2.15
CA THR B 118 -15.62 6.10 -2.92
C THR B 118 -14.70 7.32 -3.04
N ASP B 119 -13.44 7.02 -3.34
CA ASP B 119 -12.39 8.00 -3.55
C ASP B 119 -12.23 9.04 -2.46
N PHE B 120 -12.02 8.59 -1.22
CA PHE B 120 -11.82 9.55 -0.14
C PHE B 120 -10.48 9.34 0.52
N TYR B 121 -10.08 10.32 1.32
CA TYR B 121 -8.81 10.31 2.04
C TYR B 121 -8.86 11.47 3.01
N PRO B 122 -8.40 11.28 4.26
CA PRO B 122 -7.81 10.10 4.91
C PRO B 122 -8.79 8.94 5.13
N ALA B 123 -8.31 7.89 5.82
CA ALA B 123 -9.08 6.69 6.11
C ALA B 123 -10.28 6.87 7.04
N GLN B 124 -10.11 7.63 8.12
CA GLN B 124 -11.20 7.86 9.08
C GLN B 124 -12.52 8.15 8.37
N ILE B 125 -13.53 7.37 8.68
CA ILE B 125 -14.82 7.55 8.04
C ILE B 125 -15.94 6.88 8.82
N LYS B 126 -17.13 7.44 8.72
CA LYS B 126 -18.31 6.92 9.42
C LYS B 126 -19.47 6.86 8.42
N VAL B 127 -20.09 5.70 8.29
CA VAL B 127 -21.21 5.52 7.38
C VAL B 127 -22.41 5.00 8.17
N ARG B 128 -23.59 5.57 7.94
CA ARG B 128 -24.77 5.12 8.66
C ARG B 128 -26.01 4.95 7.78
N TRP B 129 -26.79 3.91 8.05
CA TRP B 129 -28.01 3.62 7.28
C TRP B 129 -29.29 3.99 8.05
N PHE B 130 -30.20 4.69 7.37
CA PHE B 130 -31.48 5.08 7.96
C PHE B 130 -32.65 4.52 7.18
N ARG B 131 -33.73 4.19 7.89
CA ARG B 131 -34.95 3.71 7.28
C ARG B 131 -35.97 4.68 7.85
N ASN B 132 -36.40 5.63 7.02
CA ASN B 132 -37.33 6.67 7.42
C ASN B 132 -36.72 7.53 8.53
N ASP B 133 -37.29 7.45 9.74
CA ASP B 133 -36.79 8.24 10.85
C ASP B 133 -35.90 7.50 11.84
N GLN B 134 -35.69 6.21 11.61
CA GLN B 134 -34.85 5.42 12.53
C GLN B 134 -33.55 4.94 11.91
N GLU B 135 -32.53 4.80 12.74
CA GLU B 135 -31.24 4.35 12.25
C GLU B 135 -31.23 2.81 12.19
N GLU B 136 -30.59 2.27 11.17
CA GLU B 136 -30.48 0.80 11.04
C GLU B 136 -29.22 0.32 11.73
N THR B 137 -29.39 -0.60 12.69
CA THR B 137 -28.26 -1.15 13.42
C THR B 137 -28.01 -2.58 12.97
N THR B 138 -29.09 -3.32 12.76
CA THR B 138 -29.01 -4.71 12.35
C THR B 138 -29.15 -4.83 10.84
N GLY B 139 -28.68 -5.94 10.28
CA GLY B 139 -28.78 -6.15 8.84
C GLY B 139 -27.82 -5.31 8.02
N VAL B 140 -26.88 -4.66 8.70
CA VAL B 140 -25.89 -3.83 8.03
C VAL B 140 -24.56 -4.58 8.01
N VAL B 141 -23.95 -4.65 6.83
CA VAL B 141 -22.68 -5.34 6.69
C VAL B 141 -21.75 -4.51 5.82
N SER B 142 -20.51 -4.36 6.28
CA SER B 142 -19.51 -3.56 5.57
C SER B 142 -18.25 -4.31 5.15
N THR B 143 -17.66 -3.89 4.03
CA THR B 143 -16.43 -4.49 3.54
C THR B 143 -15.35 -3.76 4.31
N PRO B 144 -14.16 -4.36 4.42
CA PRO B 144 -13.09 -3.68 5.15
C PRO B 144 -12.74 -2.43 4.38
N LEU B 145 -11.98 -1.53 4.98
CA LEU B 145 -11.57 -0.32 4.29
C LEU B 145 -10.76 -0.82 3.09
N ILE B 146 -11.02 -0.30 1.90
CA ILE B 146 -10.29 -0.73 0.70
C ILE B 146 -9.33 0.34 0.17
N ARG B 147 -8.07 -0.05 0.01
CA ARG B 147 -7.01 0.84 -0.47
C ARG B 147 -6.77 0.72 -1.98
N ASN B 148 -7.14 1.76 -2.71
CA ASN B 148 -6.98 1.75 -4.15
C ASN B 148 -5.53 1.90 -4.60
N GLY B 149 -4.67 2.43 -3.71
CA GLY B 149 -3.27 2.61 -4.05
C GLY B 149 -2.90 3.96 -4.63
N ASP B 150 -3.91 4.72 -5.05
CA ASP B 150 -3.71 6.04 -5.64
C ASP B 150 -3.95 7.13 -4.58
N TRP B 151 -3.75 6.78 -3.32
CA TRP B 151 -3.98 7.72 -2.23
C TRP B 151 -5.46 8.03 -2.06
N THR B 152 -6.32 7.03 -2.31
CA THR B 152 -7.73 7.21 -2.08
C THR B 152 -8.24 5.89 -1.57
N PHE B 153 -9.27 5.96 -0.74
CA PHE B 153 -9.88 4.78 -0.14
C PHE B 153 -11.30 4.61 -0.67
N GLN B 154 -11.87 3.46 -0.35
CA GLN B 154 -13.21 3.13 -0.79
C GLN B 154 -13.78 2.17 0.25
N ILE B 155 -15.11 2.18 0.43
CA ILE B 155 -15.74 1.27 1.38
C ILE B 155 -17.19 1.03 0.99
N LEU B 156 -17.66 -0.19 1.21
CA LEU B 156 -19.03 -0.55 0.84
C LEU B 156 -19.86 -1.04 2.00
N VAL B 157 -21.04 -0.45 2.18
CA VAL B 157 -21.93 -0.82 3.28
C VAL B 157 -23.33 -1.22 2.80
N MET B 158 -23.63 -2.51 2.89
CA MET B 158 -24.94 -3.00 2.47
C MET B 158 -25.91 -3.06 3.65
N LEU B 159 -27.19 -2.89 3.35
CA LEU B 159 -28.24 -2.96 4.36
C LEU B 159 -29.27 -3.97 3.89
N GLU B 160 -29.56 -4.95 4.75
CA GLU B 160 -30.55 -5.96 4.44
C GLU B 160 -31.92 -5.27 4.57
N MET B 161 -32.75 -5.37 3.56
CA MET B 161 -34.06 -4.75 3.63
C MET B 161 -35.09 -5.34 2.70
N THR B 162 -36.36 -4.99 2.97
CA THR B 162 -37.49 -5.45 2.20
C THR B 162 -38.20 -4.23 1.62
N PRO B 163 -38.14 -4.05 0.30
CA PRO B 163 -38.80 -2.90 -0.32
C PRO B 163 -40.29 -2.80 0.00
N GLN B 164 -40.69 -1.66 0.54
CA GLN B 164 -42.08 -1.41 0.88
C GLN B 164 -42.44 0.03 0.55
N ARG B 165 -43.47 0.18 -0.27
CA ARG B 165 -43.99 1.48 -0.71
C ARG B 165 -44.03 2.45 0.46
N GLY B 166 -43.56 3.68 0.24
CA GLY B 166 -43.56 4.68 1.29
C GLY B 166 -42.22 4.80 1.99
N ASP B 167 -41.64 3.67 2.37
CA ASP B 167 -40.36 3.66 3.05
C ASP B 167 -39.31 4.45 2.31
N VAL B 168 -38.41 5.08 3.06
CA VAL B 168 -37.34 5.88 2.48
C VAL B 168 -36.05 5.56 3.21
N TYR B 169 -34.97 5.35 2.47
CA TYR B 169 -33.68 5.03 3.04
C TYR B 169 -32.65 6.09 2.68
N THR B 170 -31.72 6.34 3.58
CA THR B 170 -30.68 7.31 3.32
C THR B 170 -29.37 6.79 3.88
N CYS B 171 -28.28 7.18 3.24
CA CYS B 171 -26.97 6.78 3.68
C CYS B 171 -26.30 8.07 4.16
N HIS B 172 -25.89 8.10 5.42
CA HIS B 172 -25.22 9.26 6.01
C HIS B 172 -23.74 8.98 6.10
N VAL B 173 -22.93 9.84 5.49
CA VAL B 173 -21.48 9.67 5.51
C VAL B 173 -20.75 10.84 6.17
N GLU B 174 -19.91 10.53 7.15
CA GLU B 174 -19.14 11.55 7.84
C GLU B 174 -17.67 11.33 7.55
N HIS B 175 -17.00 12.39 7.11
CA HIS B 175 -15.57 12.34 6.78
C HIS B 175 -14.91 13.69 7.12
N PRO B 176 -13.62 13.66 7.49
CA PRO B 176 -12.91 14.89 7.83
C PRO B 176 -12.84 15.94 6.73
N SER B 177 -13.25 15.59 5.52
CA SER B 177 -13.18 16.54 4.41
C SER B 177 -14.44 17.37 4.23
N LEU B 178 -15.51 17.02 4.96
CA LEU B 178 -16.73 17.80 4.84
C LEU B 178 -17.27 18.30 6.16
N GLN B 179 -17.66 19.57 6.18
CA GLN B 179 -18.21 20.20 7.37
C GLN B 179 -19.60 19.61 7.63
N ASN B 180 -20.35 19.38 6.56
CA ASN B 180 -21.69 18.78 6.65
C ASN B 180 -21.62 17.35 6.13
N PRO B 181 -22.42 16.45 6.71
CA PRO B 181 -22.39 15.06 6.26
C PRO B 181 -23.04 14.95 4.88
N ILE B 182 -22.67 13.92 4.13
CA ILE B 182 -23.25 13.70 2.83
C ILE B 182 -24.44 12.80 3.09
N ILE B 183 -25.60 13.15 2.53
CA ILE B 183 -26.78 12.32 2.72
C ILE B 183 -27.41 11.99 1.39
N VAL B 184 -27.42 10.69 1.07
CA VAL B 184 -28.02 10.19 -0.18
C VAL B 184 -29.27 9.38 0.19
N GLU B 185 -30.32 9.55 -0.61
CA GLU B 185 -31.59 8.89 -0.37
C GLU B 185 -32.06 7.95 -1.47
N TRP B 186 -32.65 6.84 -1.07
CA TRP B 186 -33.18 5.86 -2.00
C TRP B 186 -34.62 5.53 -1.53
N ARG B 187 -35.57 5.67 -2.45
CA ARG B 187 -36.97 5.43 -2.12
C ARG B 187 -37.49 4.10 -2.66
N ALA B 188 -37.92 3.23 -1.77
CA ALA B 188 -38.42 1.93 -2.17
C ALA B 188 -39.69 2.06 -3.00
N GLN B 189 -39.75 1.29 -4.08
CA GLN B 189 -40.90 1.28 -4.99
C GLN B 189 -41.06 2.56 -5.82
N SER B 190 -40.18 2.76 -6.81
CA SER B 190 -40.27 3.92 -7.71
C SER B 190 -39.00 4.25 -8.49
N LEU C 1 13.35 21.49 4.93
CA LEU C 1 12.50 21.79 3.73
C LEU C 1 12.58 20.69 2.67
N VAL C 2 13.67 19.92 2.68
CA VAL C 2 13.85 18.82 1.74
C VAL C 2 13.71 17.51 2.52
N GLU C 3 13.32 16.43 1.85
CA GLU C 3 13.14 15.14 2.51
C GLU C 3 14.45 14.55 3.01
N ALA C 4 14.38 13.91 4.18
CA ALA C 4 15.52 13.25 4.78
C ALA C 4 15.33 11.74 4.59
N LEU C 5 16.36 10.94 4.85
CA LEU C 5 16.25 9.49 4.73
C LEU C 5 17.21 8.78 5.67
N TYR C 6 16.91 7.52 5.97
CA TYR C 6 17.81 6.73 6.83
C TYR C 6 18.92 6.21 5.94
N LEU C 7 20.12 6.13 6.48
CA LEU C 7 21.23 5.60 5.72
C LEU C 7 21.40 4.15 6.16
N VAL C 8 21.21 3.21 5.23
CA VAL C 8 21.36 1.80 5.57
C VAL C 8 22.82 1.54 5.97
N CYS C 9 23.02 0.90 7.12
CA CYS C 9 24.38 0.61 7.56
C CYS C 9 24.97 -0.51 6.73
N GLY C 10 26.28 -0.43 6.49
CA GLY C 10 26.91 -1.43 5.66
C GLY C 10 27.55 -2.56 6.46
N GLU C 11 27.30 -3.79 6.04
CA GLU C 11 27.90 -4.95 6.68
C GLU C 11 29.41 -4.87 6.44
N ARG C 12 30.18 -5.39 7.38
CA ARG C 12 31.63 -5.37 7.27
C ARG C 12 32.09 -6.35 6.21
N GLY C 13 32.78 -5.86 5.19
CA GLY C 13 33.29 -6.71 4.14
C GLY C 13 34.72 -7.13 4.48
N GLY C 14 35.05 -8.41 4.27
CA GLY C 14 36.38 -8.90 4.58
C GLY C 14 37.23 -9.11 3.35
C1 NAG D . 26.47 -22.38 6.96
C2 NAG D . 25.61 -22.60 8.20
C3 NAG D . 26.43 -22.38 9.47
C4 NAG D . 27.72 -23.21 9.43
C5 NAG D . 28.49 -22.96 8.12
C6 NAG D . 29.72 -23.85 8.00
C7 NAG D . 23.38 -22.02 7.47
C8 NAG D . 22.23 -21.03 7.49
N2 NAG D . 24.46 -21.71 8.18
O3 NAG D . 25.67 -22.73 10.61
O4 NAG D . 28.55 -22.86 10.53
O5 NAG D . 27.63 -23.23 6.99
O6 NAG D . 29.40 -25.09 7.37
O7 NAG D . 23.28 -23.06 6.81
#